data_3GQ9
#
_entry.id   3GQ9
#
_cell.length_a   89.633
_cell.length_b   89.633
_cell.length_c   585.719
_cell.angle_alpha   90.000
_cell.angle_beta   90.000
_cell.angle_gamma   120.000
#
_symmetry.space_group_name_H-M   'H 3 2'
#
loop_
_entity.id
_entity.type
_entity.pdbx_description
1 polymer 'Preneck appendage protein'
2 non-polymer 'SODIUM ION'
3 non-polymer '2-[N-CYCLOHEXYLAMINO]ETHANE SULFONIC ACID'
4 water water
#
_entity_poly.entity_id   1
_entity_poly.type   'polypeptide(L)'
_entity_poly.pdbx_seq_one_letter_code
;HHHHHHFADLVIQVIDELKQFGVSVKTYGAKGDGVTDDIRAFEKAIESGFPVYVPYGTFMVSRGIKLPSNTVLTGAGKRN
AVIRFMDSVGRGESLMYNENVTTGNENIFLSSFTLDGNNKRLGQGISGIGGSRESNLSIRACHNVYIRDIEAVDCTLHGI
DITCGGLDYPYLGDGTTAPNPSENIWIENCEATGFGDDGITTHHSQYINILNCYSHDPRLTANCNGFEIDDGSRHVVLSN
NRSKGCYGGIEIKAHGDAPAAYNISINGHMSVEDVRSYNFRHIGHHAATAPQSVSAKNIVASNLVSIRPNNKRGFQDNAT
PRVLAVSAYYGVVINGLTGYTDDPNLLTETVVSVQFRARNCSLNGVVLTGFSNSENGIYVIGGSRGGDAVNISNVTLNNS
GRYGVSIGSGIENVSITNISGIGDGINSPVALVSTINSNPEISGLSSIGYPTVARVAGTDYNDGLTLFNGAFRASTTSSG
KIHSEGFIMGSTSGCEASVSKSGVLTSSSSKTSSERSLIAGSSTSEAKGTYNTILGSLGAVADEQFAALISASQSRASGN
HNLILSSYGINTTGSYKVNGGFEKINWELDSLNGRIKARDTVTGGNTWS
;
_entity_poly.pdbx_strand_id   A
#
loop_
_chem_comp.id
_chem_comp.type
_chem_comp.name
_chem_comp.formula
NA non-polymer 'SODIUM ION' 'Na 1'
NHE non-polymer '2-[N-CYCLOHEXYLAMINO]ETHANE SULFONIC ACID' 'C8 H17 N O3 S'
#
# COMPACT_ATOMS: atom_id res chain seq x y z
N HIS A 6 -17.62 -14.74 62.32
CA HIS A 6 -16.40 -15.37 62.94
C HIS A 6 -16.18 -16.81 62.43
N PHE A 7 -17.25 -17.59 62.36
CA PHE A 7 -17.23 -18.91 61.72
C PHE A 7 -16.97 -18.73 60.22
N ALA A 8 -17.67 -17.78 59.60
CA ALA A 8 -17.49 -17.43 58.20
C ALA A 8 -16.03 -17.10 57.93
N ASP A 9 -15.41 -16.32 58.81
CA ASP A 9 -13.99 -16.01 58.70
C ASP A 9 -13.12 -17.28 58.64
N LEU A 10 -13.43 -18.27 59.49
CA LEU A 10 -12.68 -19.52 59.49
C LEU A 10 -12.87 -20.33 58.20
N VAL A 11 -14.12 -20.40 57.72
CA VAL A 11 -14.41 -21.08 56.46
C VAL A 11 -13.62 -20.43 55.32
N ILE A 12 -13.67 -19.10 55.25
CA ILE A 12 -12.92 -18.31 54.27
C ILE A 12 -11.42 -18.60 54.33
N GLN A 13 -10.84 -18.65 55.53
CA GLN A 13 -9.43 -19.03 55.71
C GLN A 13 -9.09 -20.38 55.07
N VAL A 14 -9.99 -21.35 55.19
CA VAL A 14 -9.81 -22.67 54.57
C VAL A 14 -9.83 -22.52 53.04
N ILE A 15 -10.83 -21.80 52.54
CA ILE A 15 -10.98 -21.51 51.12
C ILE A 15 -9.72 -20.81 50.57
N ASP A 16 -9.31 -19.72 51.21
CA ASP A 16 -8.08 -19.01 50.85
C ASP A 16 -6.88 -19.96 50.72
N GLU A 17 -6.68 -20.78 51.74
CA GLU A 17 -5.55 -21.71 51.80
C GLU A 17 -5.58 -22.74 50.67
N LEU A 18 -6.78 -23.04 50.17
CA LEU A 18 -6.92 -23.98 49.05
C LEU A 18 -6.28 -23.47 47.76
N LYS A 19 -6.24 -22.15 47.60
CA LYS A 19 -5.63 -21.50 46.44
C LYS A 19 -6.14 -22.11 45.11
N GLN A 20 -7.45 -22.15 44.93
CA GLN A 20 -8.04 -22.75 43.73
C GLN A 20 -7.71 -22.00 42.44
N PHE A 21 -7.57 -20.67 42.54
CA PHE A 21 -7.24 -19.83 41.37
C PHE A 21 -5.80 -19.28 41.43
N GLY A 22 -5.09 -19.59 42.51
CA GLY A 22 -3.94 -18.81 42.93
C GLY A 22 -4.34 -18.15 44.25
N VAL A 23 -3.97 -16.87 44.45
CA VAL A 23 -4.47 -16.14 45.62
C VAL A 23 -5.44 -15.03 45.21
N SER A 24 -6.62 -15.02 45.81
CA SER A 24 -7.58 -13.96 45.60
C SER A 24 -7.15 -12.65 46.26
N VAL A 25 -7.39 -11.52 45.60
CA VAL A 25 -7.10 -10.21 46.21
C VAL A 25 -7.92 -10.00 47.50
N LYS A 26 -9.10 -10.63 47.56
CA LYS A 26 -9.95 -10.56 48.76
C LYS A 26 -9.29 -11.18 49.99
N THR A 27 -8.39 -12.15 49.77
CA THR A 27 -7.57 -12.73 50.80
C THR A 27 -6.66 -11.68 51.46
N TYR A 28 -6.28 -10.65 50.71
CA TYR A 28 -5.42 -9.60 51.24
C TYR A 28 -6.20 -8.36 51.65
N GLY A 29 -7.52 -8.50 51.72
CA GLY A 29 -8.36 -7.47 52.29
C GLY A 29 -9.20 -6.66 51.31
N ALA A 30 -9.17 -7.04 50.04
CA ALA A 30 -9.94 -6.34 49.01
C ALA A 30 -11.43 -6.52 49.23
N LYS A 31 -12.18 -5.43 49.11
CA LYS A 31 -13.63 -5.51 49.27
C LYS A 31 -14.35 -5.66 47.93
N GLY A 32 -13.87 -4.97 46.91
CA GLY A 32 -14.52 -4.99 45.60
C GLY A 32 -15.96 -4.54 45.69
N ASP A 33 -16.20 -3.46 46.44
CA ASP A 33 -17.55 -2.98 46.72
C ASP A 33 -17.87 -1.68 46.01
N GLY A 34 -17.00 -1.25 45.11
CA GLY A 34 -17.20 -0.02 44.37
C GLY A 34 -16.93 1.25 45.17
N VAL A 35 -16.47 1.10 46.42
CA VAL A 35 -16.25 2.25 47.31
C VAL A 35 -14.90 2.20 48.03
N THR A 36 -14.63 1.08 48.70
CA THR A 36 -13.42 0.94 49.51
C THR A 36 -12.19 0.94 48.62
N ASP A 37 -11.15 1.65 49.08
CA ASP A 37 -9.84 1.64 48.42
C ASP A 37 -9.17 0.27 48.64
N ASP A 38 -8.99 -0.47 47.54
CA ASP A 38 -8.42 -1.82 47.59
C ASP A 38 -6.96 -1.90 47.16
N ILE A 39 -6.31 -0.76 46.98
CA ILE A 39 -4.93 -0.77 46.46
C ILE A 39 -3.94 -1.61 47.28
N ARG A 40 -4.01 -1.51 48.61
CA ARG A 40 -3.07 -2.26 49.46
C ARG A 40 -3.23 -3.77 49.30
N ALA A 41 -4.46 -4.23 49.15
CA ALA A 41 -4.74 -5.65 48.92
C ALA A 41 -4.11 -6.10 47.60
N PHE A 42 -4.25 -5.29 46.55
CA PHE A 42 -3.65 -5.59 45.25
C PHE A 42 -2.12 -5.64 45.36
N GLU A 43 -1.52 -4.63 45.97
CA GLU A 43 -0.07 -4.60 46.13
C GLU A 43 0.47 -5.78 46.93
N LYS A 44 -0.20 -6.11 48.04
CA LYS A 44 0.16 -7.26 48.87
CA LYS A 44 0.18 -7.25 48.86
C LYS A 44 0.04 -8.58 48.09
N ALA A 45 -1.09 -8.77 47.42
CA ALA A 45 -1.29 -9.99 46.62
C ALA A 45 -0.23 -10.09 45.52
N ILE A 46 0.03 -8.98 44.85
CA ILE A 46 0.98 -8.96 43.73
C ILE A 46 2.42 -9.21 44.18
N GLU A 47 2.79 -8.69 45.35
CA GLU A 47 4.15 -8.90 45.85
C GLU A 47 4.39 -10.28 46.49
N SER A 48 3.35 -11.08 46.63
CA SER A 48 3.43 -12.35 47.35
C SER A 48 4.18 -13.45 46.60
N GLY A 49 4.31 -13.31 45.29
CA GLY A 49 4.89 -14.37 44.45
C GLY A 49 3.89 -15.38 43.88
N PHE A 50 2.63 -15.29 44.30
CA PHE A 50 1.60 -16.19 43.78
C PHE A 50 0.89 -15.56 42.58
N PRO A 51 0.33 -16.42 41.68
CA PRO A 51 -0.64 -15.91 40.70
C PRO A 51 -1.82 -15.27 41.43
N VAL A 52 -2.24 -14.11 40.96
CA VAL A 52 -3.29 -13.34 41.62
C VAL A 52 -4.62 -13.47 40.87
N TYR A 53 -5.68 -13.71 41.63
CA TYR A 53 -7.02 -13.79 41.08
C TYR A 53 -7.90 -12.64 41.55
N VAL A 54 -8.66 -12.07 40.62
CA VAL A 54 -9.61 -11.01 40.96
C VAL A 54 -11.00 -11.57 40.71
N PRO A 55 -11.79 -11.77 41.78
CA PRO A 55 -13.13 -12.34 41.60
C PRO A 55 -14.16 -11.26 41.26
N TYR A 56 -15.44 -11.60 41.31
CA TYR A 56 -16.48 -10.61 41.03
C TYR A 56 -16.31 -9.39 41.94
N GLY A 57 -16.52 -8.20 41.37
CA GLY A 57 -16.53 -6.97 42.12
C GLY A 57 -16.03 -5.78 41.33
N THR A 58 -16.28 -4.58 41.86
CA THR A 58 -15.69 -3.38 41.35
C THR A 58 -14.64 -2.93 42.37
N PHE A 59 -13.38 -3.10 41.99
CA PHE A 59 -12.25 -2.89 42.88
C PHE A 59 -11.66 -1.51 42.67
N MET A 60 -11.94 -0.62 43.62
CA MET A 60 -11.48 0.76 43.58
C MET A 60 -10.05 0.85 44.05
N VAL A 61 -9.29 1.74 43.44
CA VAL A 61 -7.89 1.98 43.82
C VAL A 61 -7.59 3.50 43.78
N SER A 62 -6.81 3.98 44.76
CA SER A 62 -6.46 5.40 44.88
C SER A 62 -5.17 5.77 44.15
N ARG A 63 -4.49 4.77 43.59
CA ARG A 63 -3.28 4.98 42.81
C ARG A 63 -3.08 3.80 41.84
N GLY A 64 -2.15 3.96 40.89
CA GLY A 64 -1.92 2.92 39.87
C GLY A 64 -1.46 1.59 40.44
N ILE A 65 -1.88 0.51 39.80
CA ILE A 65 -1.47 -0.84 40.16
C ILE A 65 -0.17 -1.16 39.43
N LYS A 66 0.91 -1.32 40.20
CA LYS A 66 2.23 -1.51 39.62
C LYS A 66 2.58 -3.00 39.53
N LEU A 67 3.04 -3.44 38.35
CA LEU A 67 3.24 -4.86 38.10
C LEU A 67 4.72 -5.20 38.03
N PRO A 68 5.20 -6.13 38.88
CA PRO A 68 6.57 -6.61 38.80
C PRO A 68 6.72 -7.73 37.76
N SER A 69 7.96 -8.17 37.53
CA SER A 69 8.24 -9.31 36.66
C SER A 69 7.59 -10.57 37.21
N ASN A 70 7.32 -11.53 36.32
CA ASN A 70 6.71 -12.80 36.71
C ASN A 70 5.39 -12.64 37.46
N THR A 71 4.51 -11.79 36.92
CA THR A 71 3.17 -11.58 37.45
C THR A 71 2.12 -12.32 36.62
N VAL A 72 1.24 -13.05 37.28
CA VAL A 72 0.03 -13.58 36.65
C VAL A 72 -1.16 -12.91 37.34
N LEU A 73 -1.94 -12.15 36.58
CA LEU A 73 -3.13 -11.49 37.13
C LEU A 73 -4.35 -11.80 36.27
N THR A 74 -5.29 -12.55 36.87
CA THR A 74 -6.44 -13.09 36.17
C THR A 74 -7.73 -12.71 36.91
N GLY A 75 -8.69 -12.20 36.16
CA GLY A 75 -9.98 -11.87 36.77
C GLY A 75 -11.07 -12.87 36.43
N ALA A 76 -12.26 -12.65 36.99
CA ALA A 76 -13.44 -13.46 36.68
C ALA A 76 -14.04 -13.17 35.30
N GLY A 77 -13.58 -12.08 34.66
CA GLY A 77 -14.00 -11.75 33.30
C GLY A 77 -14.35 -10.28 33.17
N LYS A 78 -14.45 -9.80 31.93
CA LYS A 78 -14.85 -8.41 31.73
CA LYS A 78 -14.88 -8.42 31.66
C LYS A 78 -16.24 -8.19 32.31
N ARG A 79 -16.46 -6.99 32.86
CA ARG A 79 -17.73 -6.64 33.51
C ARG A 79 -18.13 -7.65 34.60
N ASN A 80 -17.13 -8.31 35.15
CA ASN A 80 -17.31 -9.23 36.26
C ASN A 80 -16.29 -8.77 37.31
N ALA A 81 -15.01 -9.01 37.02
CA ALA A 81 -13.92 -8.34 37.72
C ALA A 81 -13.69 -6.99 37.05
N VAL A 82 -13.92 -5.91 37.78
CA VAL A 82 -13.74 -4.56 37.27
C VAL A 82 -12.78 -3.83 38.20
N ILE A 83 -11.76 -3.20 37.61
CA ILE A 83 -10.76 -2.40 38.35
C ILE A 83 -10.87 -0.93 37.91
N ARG A 84 -10.92 -0.03 38.88
CA ARG A 84 -11.35 1.36 38.63
C ARG A 84 -10.66 2.39 39.51
N PHE A 85 -10.19 3.47 38.91
CA PHE A 85 -9.65 4.61 39.66
C PHE A 85 -10.74 5.25 40.51
N MET A 86 -10.39 5.63 41.73
CA MET A 86 -11.30 6.38 42.59
C MET A 86 -11.48 7.82 42.08
N ASP A 87 -12.63 8.43 42.36
CA ASP A 87 -12.90 9.81 41.94
C ASP A 87 -11.81 10.79 42.36
N SER A 88 -11.12 10.47 43.45
CA SER A 88 -10.16 11.39 44.08
C SER A 88 -8.74 11.31 43.53
N VAL A 89 -8.47 10.35 42.66
CA VAL A 89 -7.15 10.19 42.06
C VAL A 89 -6.75 11.41 41.23
N GLY A 90 -5.53 11.90 41.48
CA GLY A 90 -4.96 13.01 40.74
C GLY A 90 -4.42 12.59 39.38
N ARG A 91 -3.39 13.29 38.94
CA ARG A 91 -2.89 13.14 37.57
C ARG A 91 -1.53 12.46 37.55
N GLY A 92 -1.20 11.83 36.42
CA GLY A 92 0.17 11.32 36.23
C GLY A 92 0.33 9.83 36.05
N GLU A 93 -0.64 9.05 36.51
CA GLU A 93 -0.48 7.60 36.49
C GLU A 93 -1.45 6.91 35.57
N SER A 94 -0.95 5.92 34.83
CA SER A 94 -1.80 4.92 34.20
C SER A 94 -2.43 4.05 35.27
N LEU A 95 -3.60 3.46 35.00
CA LEU A 95 -4.31 2.64 35.99
C LEU A 95 -3.48 1.43 36.37
N MET A 96 -2.85 0.83 35.36
CA MET A 96 -2.08 -0.40 35.52
C MET A 96 -0.86 -0.30 34.62
N TYR A 97 0.31 -0.57 35.20
CA TYR A 97 1.56 -0.49 34.46
C TYR A 97 2.64 -1.28 35.18
N ASN A 98 3.68 -1.66 34.43
CA ASN A 98 4.80 -2.38 35.02
C ASN A 98 5.66 -1.47 35.91
N GLU A 99 6.13 -2.07 37.01
CA GLU A 99 6.90 -1.41 38.09
C GLU A 99 8.10 -0.61 37.61
N ASN A 100 8.94 -1.25 36.80
CA ASN A 100 10.16 -0.62 36.36
C ASN A 100 9.91 0.11 35.05
N VAL A 101 9.62 1.39 35.20
CA VAL A 101 9.20 2.26 34.12
C VAL A 101 10.31 2.53 33.08
N THR A 102 11.57 2.44 33.51
CA THR A 102 12.68 2.85 32.65
CA THR A 102 12.70 2.84 32.68
C THR A 102 13.39 1.69 31.95
N THR A 103 13.66 0.59 32.66
CA THR A 103 14.31 -0.55 32.02
C THR A 103 13.41 -1.80 31.91
N GLY A 104 12.20 -1.70 32.46
CA GLY A 104 11.16 -2.69 32.21
C GLY A 104 11.16 -3.96 33.02
N ASN A 105 10.18 -4.81 32.73
CA ASN A 105 9.95 -6.05 33.44
C ASN A 105 9.76 -7.22 32.46
N GLU A 106 9.55 -8.42 32.99
CA GLU A 106 9.58 -9.66 32.23
C GLU A 106 8.40 -10.50 32.64
N ASN A 107 7.77 -11.18 31.69
CA ASN A 107 6.81 -12.26 31.99
C ASN A 107 5.59 -11.79 32.77
N ILE A 108 4.73 -11.05 32.08
CA ILE A 108 3.54 -10.49 32.70
C ILE A 108 2.32 -11.02 31.92
N PHE A 109 1.42 -11.69 32.63
CA PHE A 109 0.27 -12.34 31.99
C PHE A 109 -1.01 -11.81 32.58
N LEU A 110 -1.75 -11.03 31.81
CA LEU A 110 -2.95 -10.33 32.27
C LEU A 110 -4.15 -10.83 31.51
N SER A 111 -5.19 -11.23 32.24
CA SER A 111 -6.36 -11.85 31.63
CA SER A 111 -6.37 -11.80 31.61
C SER A 111 -7.67 -11.53 32.35
N SER A 112 -8.72 -11.27 31.56
CA SER A 112 -10.12 -11.35 32.01
C SER A 112 -10.59 -10.39 33.10
N PHE A 113 -10.51 -9.11 32.80
CA PHE A 113 -11.08 -8.08 33.66
C PHE A 113 -11.30 -6.79 32.88
N THR A 114 -12.12 -5.92 33.46
CA THR A 114 -12.31 -4.56 32.92
C THR A 114 -11.40 -3.59 33.67
N LEU A 115 -10.71 -2.74 32.92
CA LEU A 115 -10.02 -1.58 33.48
C LEU A 115 -10.82 -0.33 33.15
N ASP A 116 -11.27 0.35 34.20
CA ASP A 116 -12.10 1.54 34.09
C ASP A 116 -11.25 2.70 34.59
N GLY A 117 -10.75 3.52 33.67
CA GLY A 117 -9.84 4.59 34.05
C GLY A 117 -10.51 5.76 34.78
N ASN A 118 -11.84 5.78 34.79
CA ASN A 118 -12.59 6.86 35.46
C ASN A 118 -12.09 8.23 35.02
N ASN A 119 -11.88 8.39 33.71
CA ASN A 119 -11.55 9.70 33.15
C ASN A 119 -12.59 10.76 33.50
N LYS A 120 -13.85 10.34 33.62
CA LYS A 120 -14.93 11.30 33.87
CA LYS A 120 -15.00 11.22 33.95
C LYS A 120 -14.74 12.08 35.18
N ARG A 121 -13.94 11.54 36.10
CA ARG A 121 -13.65 12.21 37.37
C ARG A 121 -12.93 13.54 37.15
N LEU A 122 -12.34 13.71 35.97
CA LEU A 122 -11.56 14.91 35.66
C LEU A 122 -12.40 15.97 34.95
N GLY A 123 -13.68 15.67 34.74
CA GLY A 123 -14.52 16.49 33.86
C GLY A 123 -14.32 16.04 32.43
N GLN A 124 -14.92 16.76 31.49
CA GLN A 124 -14.94 16.34 30.09
C GLN A 124 -13.90 17.05 29.23
N GLY A 125 -13.50 16.40 28.13
CA GLY A 125 -12.52 16.97 27.20
C GLY A 125 -11.07 16.83 27.63
N ILE A 126 -10.79 15.94 28.60
CA ILE A 126 -9.44 15.82 29.16
C ILE A 126 -8.68 14.60 28.59
N SER A 127 -7.41 14.81 28.25
CA SER A 127 -6.52 13.72 27.82
C SER A 127 -5.26 13.64 28.70
N GLY A 128 -4.32 12.80 28.32
CA GLY A 128 -3.17 12.47 29.15
C GLY A 128 -2.29 13.68 29.44
N ILE A 129 -1.76 13.73 30.66
CA ILE A 129 -1.01 14.89 31.14
C ILE A 129 0.36 15.07 30.47
N GLY A 130 0.92 14.01 29.89
CA GLY A 130 2.21 14.12 29.21
C GLY A 130 2.86 12.79 28.89
N GLY A 131 3.34 12.65 27.67
CA GLY A 131 3.92 11.38 27.22
C GLY A 131 2.95 10.21 27.33
N SER A 132 3.47 9.09 27.82
CA SER A 132 2.70 7.86 27.94
C SER A 132 1.87 7.77 29.23
N ARG A 133 1.81 8.85 30.01
CA ARG A 133 1.08 8.81 31.28
C ARG A 133 -0.44 8.74 31.10
N GLU A 134 -1.08 7.94 31.96
CA GLU A 134 -2.53 7.92 32.17
C GLU A 134 -3.35 7.07 31.18
N SER A 135 -2.74 6.03 30.61
CA SER A 135 -3.52 5.05 29.85
C SER A 135 -4.18 4.13 30.86
N ASN A 136 -5.12 3.28 30.42
CA ASN A 136 -5.63 2.25 31.32
C ASN A 136 -4.57 1.21 31.64
N LEU A 137 -3.82 0.80 30.61
CA LEU A 137 -2.75 -0.17 30.75
C LEU A 137 -1.53 0.30 29.96
N SER A 138 -0.40 0.46 30.65
CA SER A 138 0.84 0.88 29.98
C SER A 138 1.93 -0.15 30.23
N ILE A 139 2.52 -0.63 29.16
CA ILE A 139 3.59 -1.61 29.24
C ILE A 139 4.82 -0.96 28.64
N ARG A 140 5.84 -0.78 29.47
CA ARG A 140 7.04 -0.02 29.11
C ARG A 140 8.31 -0.87 29.25
N ALA A 141 9.00 -1.08 28.13
CA ALA A 141 10.27 -1.80 28.09
C ALA A 141 10.19 -3.25 28.54
N CYS A 142 9.01 -3.86 28.39
CA CYS A 142 8.80 -5.23 28.89
C CYS A 142 8.98 -6.30 27.83
N HIS A 143 9.47 -7.46 28.27
CA HIS A 143 9.57 -8.65 27.43
C HIS A 143 8.59 -9.71 27.90
N ASN A 144 7.88 -10.33 26.95
CA ASN A 144 7.02 -11.47 27.23
C ASN A 144 5.78 -11.04 28.01
N VAL A 145 4.90 -10.32 27.33
CA VAL A 145 3.67 -9.82 27.95
C VAL A 145 2.47 -10.32 27.15
N TYR A 146 1.53 -10.94 27.85
CA TYR A 146 0.34 -11.49 27.22
C TYR A 146 -0.86 -10.80 27.83
N ILE A 147 -1.63 -10.11 26.99
CA ILE A 147 -2.77 -9.31 27.43
C ILE A 147 -4.03 -9.84 26.74
N ARG A 148 -4.94 -10.41 27.51
CA ARG A 148 -6.01 -11.23 26.97
C ARG A 148 -7.35 -10.91 27.63
N ASP A 149 -8.38 -10.71 26.83
CA ASP A 149 -9.73 -10.51 27.35
C ASP A 149 -9.80 -9.36 28.38
N ILE A 150 -9.12 -8.27 28.06
CA ILE A 150 -9.18 -7.05 28.86
C ILE A 150 -10.06 -6.03 28.17
N GLU A 151 -11.02 -5.47 28.91
CA GLU A 151 -11.84 -4.39 28.40
C GLU A 151 -11.37 -3.08 29.04
N ALA A 152 -10.96 -2.11 28.21
CA ALA A 152 -10.48 -0.82 28.71
C ALA A 152 -11.47 0.29 28.37
N VAL A 153 -12.06 0.91 29.40
CA VAL A 153 -13.09 1.93 29.21
C VAL A 153 -12.76 3.25 29.94
N ASP A 154 -13.40 4.34 29.49
CA ASP A 154 -13.23 5.69 30.07
C ASP A 154 -11.76 5.99 30.36
N CYS A 155 -10.94 5.92 29.32
CA CYS A 155 -9.49 6.03 29.43
C CYS A 155 -9.06 7.48 29.24
N THR A 156 -8.11 7.93 30.05
CA THR A 156 -7.61 9.31 29.95
C THR A 156 -6.73 9.48 28.71
N LEU A 157 -5.71 8.63 28.57
CA LEU A 157 -4.92 8.64 27.36
C LEU A 157 -5.37 7.50 26.44
N HIS A 158 -4.60 6.41 26.41
CA HIS A 158 -4.92 5.25 25.57
C HIS A 158 -5.60 4.17 26.40
N GLY A 159 -6.20 3.19 25.72
CA GLY A 159 -6.71 2.01 26.40
C GLY A 159 -5.54 1.15 26.82
N ILE A 160 -4.80 0.66 25.82
CA ILE A 160 -3.65 -0.24 26.01
C ILE A 160 -2.48 0.29 25.18
N ASP A 161 -1.36 0.55 25.84
CA ASP A 161 -0.20 1.15 25.21
C ASP A 161 1.03 0.28 25.46
N ILE A 162 1.69 -0.11 24.38
CA ILE A 162 2.96 -0.82 24.48
C ILE A 162 4.04 0.15 24.05
N THR A 163 5.00 0.42 24.91
CA THR A 163 6.02 1.41 24.57
C THR A 163 7.41 1.04 25.11
N CYS A 164 8.42 1.84 24.77
CA CYS A 164 9.76 1.62 25.30
C CYS A 164 9.90 2.18 26.72
N GLY A 165 11.07 2.03 27.32
CA GLY A 165 11.28 2.56 28.67
C GLY A 165 11.14 4.06 28.73
N GLY A 166 10.65 4.56 29.87
CA GLY A 166 10.49 6.00 30.09
C GLY A 166 9.03 6.38 30.05
N LEU A 167 8.66 7.35 30.90
CA LEU A 167 7.28 7.85 30.95
C LEU A 167 6.96 8.70 29.73
N ASP A 168 7.94 9.49 29.30
CA ASP A 168 7.83 10.28 28.07
C ASP A 168 8.05 9.36 26.87
N TYR A 169 7.53 9.76 25.71
CA TYR A 169 7.94 9.14 24.44
C TYR A 169 9.20 9.84 23.93
N PRO A 170 10.18 9.09 23.42
CA PRO A 170 11.40 9.67 22.89
C PRO A 170 11.24 10.18 21.45
N TYR A 171 11.78 11.36 21.17
CA TYR A 171 11.76 11.92 19.83
C TYR A 171 13.19 12.10 19.35
N LEU A 172 13.73 11.02 18.80
CA LEU A 172 15.16 10.94 18.49
C LEU A 172 15.47 11.21 17.03
N GLY A 173 14.43 11.44 16.23
CA GLY A 173 14.61 11.67 14.80
C GLY A 173 14.37 10.42 13.96
N ASP A 174 14.15 10.62 12.67
CA ASP A 174 13.98 9.53 11.74
C ASP A 174 15.26 8.67 11.69
N GLY A 175 15.10 7.39 11.39
CA GLY A 175 16.24 6.48 11.24
C GLY A 175 16.91 6.05 12.55
N THR A 176 16.19 6.15 13.66
CA THR A 176 16.75 5.78 14.95
C THR A 176 15.99 4.59 15.55
N THR A 177 16.61 3.99 16.57
CA THR A 177 15.96 2.97 17.36
C THR A 177 16.08 3.37 18.83
N ALA A 178 14.94 3.56 19.50
CA ALA A 178 14.94 4.00 20.90
C ALA A 178 15.41 2.87 21.82
N PRO A 179 16.16 3.21 22.89
CA PRO A 179 16.58 2.15 23.84
C PRO A 179 15.41 1.52 24.59
N ASN A 180 15.64 0.32 25.11
CA ASN A 180 14.68 -0.39 25.95
C ASN A 180 13.29 -0.61 25.33
N PRO A 181 13.24 -1.29 24.16
CA PRO A 181 11.92 -1.57 23.59
C PRO A 181 11.14 -2.60 24.41
N SER A 182 9.82 -2.57 24.31
CA SER A 182 9.05 -3.76 24.68
C SER A 182 9.21 -4.77 23.54
N GLU A 183 9.09 -6.05 23.88
CA GLU A 183 9.35 -7.13 22.93
C GLU A 183 8.59 -8.41 23.31
N ASN A 184 8.04 -9.09 22.30
CA ASN A 184 7.21 -10.29 22.48
C ASN A 184 5.95 -9.97 23.25
N ILE A 185 5.01 -9.31 22.58
CA ILE A 185 3.77 -8.88 23.19
C ILE A 185 2.64 -9.53 22.41
N TRP A 186 1.59 -9.93 23.13
CA TRP A 186 0.41 -10.51 22.51
C TRP A 186 -0.78 -9.83 23.13
N ILE A 187 -1.62 -9.22 22.31
CA ILE A 187 -2.83 -8.54 22.76
C ILE A 187 -3.99 -9.19 22.02
N GLU A 188 -4.91 -9.82 22.76
CA GLU A 188 -5.92 -10.65 22.13
C GLU A 188 -7.26 -10.53 22.80
N ASN A 189 -8.32 -10.43 22.00
CA ASN A 189 -9.68 -10.35 22.52
C ASN A 189 -9.88 -9.19 23.50
N CYS A 190 -9.17 -8.09 23.26
CA CYS A 190 -9.31 -6.91 24.12
C CYS A 190 -10.21 -5.88 23.47
N GLU A 191 -10.76 -4.99 24.29
CA GLU A 191 -11.62 -3.92 23.80
C GLU A 191 -11.13 -2.62 24.41
N ALA A 192 -11.14 -1.56 23.60
CA ALA A 192 -10.79 -0.24 24.09
C ALA A 192 -11.82 0.76 23.58
N THR A 193 -12.33 1.61 24.47
CA THR A 193 -13.31 2.62 24.08
C THR A 193 -13.27 3.81 25.03
N GLY A 194 -13.82 4.95 24.58
CA GLY A 194 -13.92 6.14 25.42
C GLY A 194 -12.56 6.63 25.88
N PHE A 195 -11.59 6.54 24.97
CA PHE A 195 -10.20 6.95 25.22
C PHE A 195 -9.95 8.36 24.70
N GLY A 196 -8.87 8.99 25.17
CA GLY A 196 -8.57 10.36 24.79
C GLY A 196 -7.62 10.48 23.61
N ASP A 197 -6.79 9.46 23.40
CA ASP A 197 -5.93 9.44 22.23
C ASP A 197 -6.24 8.19 21.40
N ASP A 198 -5.55 7.07 21.65
CA ASP A 198 -5.75 5.85 20.85
C ASP A 198 -6.26 4.66 21.65
N GLY A 199 -6.98 3.74 20.99
CA GLY A 199 -7.51 2.58 21.70
C GLY A 199 -6.43 1.59 22.10
N ILE A 200 -5.79 1.01 21.09
CA ILE A 200 -4.68 0.09 21.28
C ILE A 200 -3.53 0.62 20.45
N THR A 201 -2.38 0.80 21.08
CA THR A 201 -1.28 1.48 20.42
C THR A 201 0.09 0.88 20.74
N THR A 202 1.02 0.98 19.79
CA THR A 202 2.39 0.53 19.99
C THR A 202 3.37 1.66 19.66
N HIS A 203 4.44 1.76 20.45
CA HIS A 203 5.54 2.70 20.21
C HIS A 203 6.87 1.97 20.48
N HIS A 204 7.86 2.17 19.61
CA HIS A 204 9.26 1.83 19.93
C HIS A 204 9.45 0.40 20.46
N SER A 205 8.66 -0.52 19.91
CA SER A 205 8.61 -1.89 20.40
C SER A 205 8.44 -2.84 19.21
N GLN A 206 8.65 -4.14 19.44
CA GLN A 206 8.74 -5.10 18.32
C GLN A 206 8.26 -6.49 18.70
N TYR A 207 7.84 -7.27 17.69
CA TYR A 207 7.35 -8.66 17.84
C TYR A 207 6.04 -8.67 18.64
N ILE A 208 4.99 -8.17 17.99
CA ILE A 208 3.75 -7.87 18.64
C ILE A 208 2.65 -8.44 17.75
N ASN A 209 1.72 -9.17 18.35
CA ASN A 209 0.55 -9.68 17.64
C ASN A 209 -0.69 -9.07 18.30
N ILE A 210 -1.53 -8.42 17.51
CA ILE A 210 -2.79 -7.88 17.99
C ILE A 210 -3.94 -8.58 17.25
N LEU A 211 -4.72 -9.37 17.99
CA LEU A 211 -5.65 -10.31 17.38
C LEU A 211 -7.05 -10.21 17.98
N ASN A 212 -8.06 -10.13 17.12
CA ASN A 212 -9.46 -10.22 17.57
C ASN A 212 -9.87 -9.17 18.61
N CYS A 213 -9.31 -7.97 18.51
CA CYS A 213 -9.65 -6.88 19.44
C CYS A 213 -10.65 -5.91 18.81
N TYR A 214 -11.31 -5.13 19.65
CA TYR A 214 -12.30 -4.16 19.20
C TYR A 214 -11.98 -2.80 19.82
N SER A 215 -11.67 -1.81 18.99
CA SER A 215 -11.38 -0.46 19.46
CA SER A 215 -11.37 -0.43 19.46
C SER A 215 -12.33 0.53 18.81
N HIS A 216 -13.01 1.33 19.63
CA HIS A 216 -14.08 2.18 19.08
C HIS A 216 -14.39 3.42 19.92
N ASP A 217 -14.94 4.43 19.26
CA ASP A 217 -15.55 5.60 19.92
C ASP A 217 -14.62 6.34 20.89
N PRO A 218 -13.65 7.09 20.33
CA PRO A 218 -12.82 7.92 21.21
C PRO A 218 -13.69 9.01 21.82
N ARG A 219 -13.30 9.54 22.97
CA ARG A 219 -14.01 10.67 23.56
C ARG A 219 -13.75 11.94 22.76
N LEU A 220 -12.53 12.06 22.27
CA LEU A 220 -12.06 13.28 21.61
C LEU A 220 -12.02 13.15 20.07
N THR A 221 -11.75 14.27 19.40
CA THR A 221 -11.81 14.35 17.93
C THR A 221 -10.50 14.82 17.31
N ALA A 222 -9.40 14.55 18.00
CA ALA A 222 -8.08 14.78 17.45
C ALA A 222 -7.61 13.56 16.62
N ASN A 223 -6.32 13.26 16.64
CA ASN A 223 -5.78 12.08 15.94
C ASN A 223 -6.06 10.81 16.76
N CYS A 224 -7.33 10.46 16.85
CA CYS A 224 -7.79 9.43 17.78
C CYS A 224 -8.14 8.17 17.04
N ASN A 225 -7.27 7.18 17.12
CA ASN A 225 -7.32 6.01 16.24
C ASN A 225 -7.69 4.74 16.99
N GLY A 226 -8.26 3.77 16.26
CA GLY A 226 -8.63 2.50 16.86
C GLY A 226 -7.38 1.75 17.24
N PHE A 227 -6.53 1.54 16.23
CA PHE A 227 -5.26 0.87 16.39
C PHE A 227 -4.22 1.79 15.80
N GLU A 228 -3.23 2.14 16.62
CA GLU A 228 -2.24 3.13 16.26
C GLU A 228 -0.85 2.51 16.39
N ILE A 229 -0.28 2.12 15.25
CA ILE A 229 1.06 1.56 15.18
C ILE A 229 2.00 2.73 14.89
N ASP A 230 2.59 3.24 15.96
CA ASP A 230 3.16 4.60 15.94
C ASP A 230 4.66 4.58 16.05
N ASP A 231 5.23 5.78 16.22
CA ASP A 231 6.66 6.03 16.45
C ASP A 231 7.44 4.80 16.91
N GLY A 232 8.38 4.36 16.08
CA GLY A 232 9.35 3.36 16.50
C GLY A 232 8.89 1.92 16.45
N SER A 233 7.61 1.67 16.11
CA SER A 233 7.10 0.30 16.06
C SER A 233 7.75 -0.49 14.94
N ARG A 234 7.86 -1.80 15.10
CA ARG A 234 8.27 -2.65 13.98
C ARG A 234 7.91 -4.09 14.23
N HIS A 235 7.68 -4.85 13.17
CA HIS A 235 7.45 -6.30 13.28
C HIS A 235 6.19 -6.59 14.10
N VAL A 236 5.07 -6.05 13.59
CA VAL A 236 3.78 -6.14 14.24
C VAL A 236 2.83 -6.83 13.27
N VAL A 237 2.02 -7.75 13.79
CA VAL A 237 0.87 -8.30 13.04
C VAL A 237 -0.44 -7.90 13.69
N LEU A 238 -1.34 -7.36 12.89
CA LEU A 238 -2.72 -7.15 13.30
C LEU A 238 -3.61 -8.09 12.49
N SER A 239 -4.50 -8.81 13.14
CA SER A 239 -5.39 -9.70 12.43
C SER A 239 -6.76 -9.84 13.07
N ASN A 240 -7.79 -9.75 12.23
CA ASN A 240 -9.18 -9.97 12.64
C ASN A 240 -9.67 -9.03 13.74
N ASN A 241 -9.08 -7.84 13.80
CA ASN A 241 -9.58 -6.82 14.71
C ASN A 241 -10.73 -6.05 14.03
N ARG A 242 -11.46 -5.26 14.82
CA ARG A 242 -12.44 -4.32 14.28
C ARG A 242 -12.19 -2.95 14.93
N SER A 243 -12.28 -1.90 14.12
CA SER A 243 -12.33 -0.53 14.65
C SER A 243 -13.69 0.07 14.29
N LYS A 244 -14.19 0.98 15.12
CA LYS A 244 -15.43 1.68 14.80
C LYS A 244 -15.45 3.11 15.31
N GLY A 245 -15.77 4.06 14.43
CA GLY A 245 -16.06 5.43 14.86
C GLY A 245 -14.85 6.21 15.32
N CYS A 246 -13.68 5.90 14.78
CA CYS A 246 -12.44 6.59 15.12
C CYS A 246 -12.02 7.48 13.95
N TYR A 247 -10.87 8.13 14.09
CA TYR A 247 -10.26 8.84 12.97
C TYR A 247 -9.68 7.78 12.02
N GLY A 248 -8.54 7.21 12.38
CA GLY A 248 -7.97 6.06 11.63
C GLY A 248 -8.49 4.77 12.23
N GLY A 249 -8.80 3.79 11.37
CA GLY A 249 -9.14 2.46 11.84
C GLY A 249 -7.87 1.78 12.30
N ILE A 250 -7.00 1.50 11.34
CA ILE A 250 -5.62 1.20 11.66
C ILE A 250 -4.76 2.31 11.09
N GLU A 251 -4.06 3.02 11.97
CA GLU A 251 -3.05 3.97 11.54
C GLU A 251 -1.66 3.39 11.75
N ILE A 252 -0.84 3.48 10.71
CA ILE A 252 0.58 3.12 10.77
C ILE A 252 1.36 4.36 10.41
N LYS A 253 2.14 4.87 11.36
CA LYS A 253 2.80 6.16 11.11
C LYS A 253 3.99 6.43 12.00
N ALA A 254 4.52 7.64 11.85
CA ALA A 254 5.26 8.30 12.93
C ALA A 254 5.04 9.80 12.85
N HIS A 255 5.26 10.46 13.98
CA HIS A 255 5.45 11.90 14.03
C HIS A 255 6.74 12.27 13.30
N GLY A 256 6.91 13.57 13.04
CA GLY A 256 8.07 14.06 12.30
C GLY A 256 9.43 13.81 12.93
N ASP A 257 9.51 13.88 14.24
CA ASP A 257 10.82 13.77 14.90
C ASP A 257 11.03 12.35 15.43
N ALA A 258 10.54 11.37 14.66
CA ALA A 258 10.58 9.97 15.08
C ALA A 258 10.59 9.05 13.87
N PRO A 259 11.08 7.80 14.04
CA PRO A 259 11.07 6.84 12.95
C PRO A 259 9.67 6.23 12.76
N ALA A 260 9.25 6.09 11.49
CA ALA A 260 7.96 5.48 11.16
C ALA A 260 7.95 4.00 11.53
N ALA A 261 6.77 3.49 11.88
CA ALA A 261 6.61 2.03 12.05
C ALA A 261 7.02 1.34 10.75
N TYR A 262 7.70 0.20 10.85
CA TYR A 262 8.09 -0.55 9.65
C TYR A 262 7.89 -2.06 9.78
N ASN A 263 7.69 -2.71 8.64
CA ASN A 263 7.46 -4.16 8.57
C ASN A 263 6.25 -4.57 9.38
N ILE A 264 5.09 -4.10 8.91
CA ILE A 264 3.84 -4.25 9.60
C ILE A 264 2.92 -5.05 8.69
N SER A 265 2.21 -5.99 9.27
CA SER A 265 1.30 -6.85 8.53
C SER A 265 -0.13 -6.69 9.04
N ILE A 266 -1.07 -6.51 8.11
CA ILE A 266 -2.48 -6.51 8.49
C ILE A 266 -3.10 -7.73 7.81
N ASN A 267 -3.39 -8.74 8.61
CA ASN A 267 -3.94 -10.00 8.12
C ASN A 267 -5.46 -10.00 8.33
N GLY A 268 -6.15 -9.13 7.58
CA GLY A 268 -7.60 -8.94 7.76
C GLY A 268 -7.93 -7.88 8.80
N HIS A 269 -8.91 -7.02 8.50
CA HIS A 269 -9.41 -6.02 9.44
C HIS A 269 -10.79 -5.58 8.98
N MET A 270 -11.63 -5.17 9.91
CA MET A 270 -12.91 -4.54 9.57
C MET A 270 -12.98 -3.16 10.19
N SER A 271 -13.14 -2.15 9.34
CA SER A 271 -13.28 -0.76 9.79
C SER A 271 -14.71 -0.28 9.53
N VAL A 272 -15.36 0.18 10.60
CA VAL A 272 -16.75 0.60 10.56
C VAL A 272 -16.87 2.08 10.90
N GLU A 273 -17.32 2.89 9.94
CA GLU A 273 -17.56 4.31 10.14
C GLU A 273 -16.38 5.07 10.77
N ASP A 274 -15.17 4.68 10.39
CA ASP A 274 -13.97 5.47 10.69
C ASP A 274 -13.85 6.59 9.66
N VAL A 275 -12.95 7.55 9.89
CA VAL A 275 -12.71 8.60 8.90
C VAL A 275 -11.80 8.08 7.79
N ARG A 276 -10.65 7.52 8.18
CA ARG A 276 -9.70 6.96 7.21
C ARG A 276 -9.41 5.55 7.69
N SER A 277 -10.11 4.57 7.09
CA SER A 277 -10.08 3.21 7.60
C SER A 277 -8.66 2.70 7.77
N TYR A 278 -7.85 2.88 6.74
CA TYR A 278 -6.47 2.43 6.73
C TYR A 278 -5.66 3.65 6.35
N ASN A 279 -4.81 4.09 7.26
CA ASN A 279 -4.15 5.41 7.12
C ASN A 279 -2.66 5.25 7.42
N PHE A 280 -1.84 5.22 6.37
CA PHE A 280 -0.40 4.99 6.52
C PHE A 280 0.33 6.27 6.12
N ARG A 281 1.18 6.81 6.99
CA ARG A 281 1.79 8.12 6.72
C ARG A 281 3.03 8.33 7.57
N HIS A 282 3.89 9.27 7.18
CA HIS A 282 4.99 9.67 8.05
C HIS A 282 5.08 11.21 8.06
N ILE A 283 4.54 11.79 9.11
CA ILE A 283 4.47 13.23 9.28
C ILE A 283 5.88 13.81 9.10
N GLY A 284 5.97 14.92 8.38
CA GLY A 284 7.25 15.54 8.08
C GLY A 284 8.03 14.94 6.93
N HIS A 285 7.50 13.89 6.30
CA HIS A 285 8.22 13.20 5.22
C HIS A 285 7.36 13.00 4.00
N HIS A 286 6.49 13.98 3.78
CA HIS A 286 5.51 13.99 2.71
C HIS A 286 5.87 14.96 1.59
N ALA A 287 6.60 16.04 1.93
CA ALA A 287 6.92 17.07 0.95
C ALA A 287 7.97 16.58 -0.05
N ALA A 288 7.84 17.04 -1.29
CA ALA A 288 8.81 16.75 -2.36
C ALA A 288 10.14 17.45 -2.10
N THR A 289 10.09 18.55 -1.35
CA THR A 289 11.29 19.36 -1.12
C THR A 289 12.04 18.98 0.18
N ALA A 290 11.66 17.85 0.76
CA ALA A 290 12.36 17.29 1.94
C ALA A 290 12.69 15.82 1.67
N PRO A 291 13.62 15.23 2.46
CA PRO A 291 14.02 13.89 2.08
C PRO A 291 12.95 12.86 2.35
N GLN A 292 13.03 11.75 1.61
CA GLN A 292 12.21 10.56 1.85
C GLN A 292 12.43 10.06 3.29
N SER A 293 11.39 9.49 3.89
CA SER A 293 11.55 8.78 5.14
C SER A 293 12.53 7.63 4.93
N VAL A 294 13.48 7.46 5.85
CA VAL A 294 14.36 6.28 5.77
C VAL A 294 13.76 5.12 6.56
N SER A 295 12.64 5.34 7.24
CA SER A 295 12.06 4.32 8.11
C SER A 295 10.72 3.74 7.61
N ALA A 296 9.96 4.55 6.87
CA ALA A 296 8.63 4.18 6.43
C ALA A 296 8.67 3.15 5.29
N LYS A 297 8.69 1.88 5.64
CA LYS A 297 8.89 0.80 4.67
C LYS A 297 8.15 -0.46 5.07
N ASN A 298 7.72 -1.22 4.07
CA ASN A 298 7.18 -2.58 4.23
C ASN A 298 5.87 -2.64 5.00
N ILE A 299 4.75 -2.53 4.28
CA ILE A 299 3.45 -2.80 4.88
C ILE A 299 2.77 -3.79 3.95
N VAL A 300 2.34 -4.93 4.50
CA VAL A 300 1.56 -5.88 3.69
C VAL A 300 0.19 -6.02 4.34
N ALA A 301 -0.85 -5.66 3.60
CA ALA A 301 -2.18 -5.59 4.19
C ALA A 301 -3.16 -6.31 3.27
N SER A 302 -3.93 -7.23 3.84
CA SER A 302 -4.81 -8.08 3.03
CA SER A 302 -4.82 -8.07 3.03
C SER A 302 -6.18 -8.25 3.68
N ASN A 303 -7.19 -8.56 2.86
CA ASN A 303 -8.52 -8.84 3.37
CA ASN A 303 -8.58 -8.81 3.32
C ASN A 303 -9.05 -7.69 4.24
N LEU A 304 -8.95 -6.50 3.69
CA LEU A 304 -9.33 -5.26 4.37
C LEU A 304 -10.77 -4.88 4.06
N VAL A 305 -11.53 -4.58 5.10
CA VAL A 305 -12.92 -4.17 4.94
C VAL A 305 -13.06 -2.73 5.41
N SER A 306 -13.72 -1.91 4.62
CA SER A 306 -14.03 -0.55 5.03
C SER A 306 -15.50 -0.27 4.76
N ILE A 307 -16.19 0.23 5.80
CA ILE A 307 -17.65 0.43 5.75
C ILE A 307 -18.01 1.86 6.09
N ARG A 308 -18.73 2.54 5.19
CA ARG A 308 -19.28 3.89 5.44
C ARG A 308 -18.24 4.83 6.07
N PRO A 309 -17.05 4.96 5.44
CA PRO A 309 -16.11 5.93 6.01
C PRO A 309 -16.73 7.32 5.91
N ASN A 310 -16.55 8.12 6.96
CA ASN A 310 -17.22 9.42 7.04
C ASN A 310 -16.49 10.29 8.05
N ASN A 311 -16.78 11.59 8.05
CA ASN A 311 -16.29 12.42 9.15
C ASN A 311 -17.41 13.22 9.83
N LYS A 312 -18.49 12.53 10.19
CA LYS A 312 -19.62 13.20 10.86
C LYS A 312 -19.20 13.84 12.18
N ARG A 313 -18.24 13.22 12.87
CA ARG A 313 -17.80 13.73 14.18
C ARG A 313 -16.83 14.91 14.11
N GLY A 314 -16.29 15.19 12.92
CA GLY A 314 -15.38 16.32 12.73
C GLY A 314 -13.97 16.09 13.23
N PHE A 315 -13.50 14.85 13.22
CA PHE A 315 -12.09 14.57 13.56
C PHE A 315 -11.12 15.41 12.72
N GLN A 316 -10.01 15.82 13.36
CA GLN A 316 -8.85 16.36 12.64
C GLN A 316 -9.21 17.52 11.72
N ASP A 317 -9.91 18.52 12.26
CA ASP A 317 -10.32 19.69 11.47
C ASP A 317 -11.07 19.30 10.20
N ASN A 318 -12.03 18.39 10.33
CA ASN A 318 -12.85 17.94 9.19
C ASN A 318 -12.05 17.34 8.05
N ALA A 319 -11.02 16.57 8.40
CA ALA A 319 -10.30 15.78 7.40
C ALA A 319 -11.29 15.01 6.53
N THR A 320 -10.97 14.88 5.24
CA THR A 320 -11.83 14.18 4.29
C THR A 320 -11.66 12.66 4.48
N PRO A 321 -12.78 11.93 4.41
CA PRO A 321 -12.74 10.47 4.56
C PRO A 321 -11.98 9.73 3.45
N ARG A 322 -11.49 8.54 3.79
CA ARG A 322 -10.79 7.66 2.88
C ARG A 322 -11.11 6.22 3.27
N VAL A 323 -11.23 5.33 2.29
CA VAL A 323 -11.12 3.91 2.55
C VAL A 323 -9.64 3.58 2.82
N LEU A 324 -8.74 4.14 2.02
CA LEU A 324 -7.32 3.89 2.21
C LEU A 324 -6.51 5.11 1.83
N ALA A 325 -5.55 5.49 2.68
CA ALA A 325 -4.68 6.61 2.35
C ALA A 325 -3.26 6.23 2.65
N VAL A 326 -2.43 6.22 1.61
CA VAL A 326 -1.03 5.89 1.75
C VAL A 326 -0.24 7.16 1.42
N SER A 327 0.65 7.54 2.31
CA SER A 327 1.60 8.61 2.05
C SER A 327 2.96 8.25 2.67
N ALA A 328 4.04 8.84 2.16
CA ALA A 328 5.40 8.65 2.70
C ALA A 328 6.05 7.26 2.53
N TYR A 329 5.24 6.20 2.63
CA TYR A 329 5.76 4.81 2.71
C TYR A 329 6.30 4.24 1.41
N TYR A 330 7.38 3.47 1.53
CA TYR A 330 7.89 2.62 0.46
C TYR A 330 7.38 1.19 0.67
N GLY A 331 6.96 0.52 -0.40
CA GLY A 331 6.72 -0.92 -0.32
C GLY A 331 5.46 -1.30 0.44
N VAL A 332 4.33 -0.83 -0.07
CA VAL A 332 3.02 -1.14 0.51
C VAL A 332 2.28 -2.04 -0.46
N VAL A 333 1.89 -3.23 0.02
CA VAL A 333 1.22 -4.24 -0.81
C VAL A 333 -0.18 -4.48 -0.26
N ILE A 334 -1.18 -4.18 -1.08
CA ILE A 334 -2.58 -4.31 -0.66
C ILE A 334 -3.23 -5.38 -1.51
N ASN A 335 -3.84 -6.36 -0.88
CA ASN A 335 -4.49 -7.41 -1.62
C ASN A 335 -5.85 -7.76 -1.02
N GLY A 336 -6.92 -7.62 -1.78
CA GLY A 336 -8.23 -7.97 -1.25
C GLY A 336 -8.77 -6.85 -0.37
N LEU A 337 -9.31 -5.83 -1.02
CA LEU A 337 -9.85 -4.68 -0.31
C LEU A 337 -11.28 -4.47 -0.73
N THR A 338 -12.19 -4.43 0.22
CA THR A 338 -13.56 -4.09 -0.12
C THR A 338 -14.01 -2.85 0.66
N GLY A 339 -14.43 -1.84 -0.09
CA GLY A 339 -14.96 -0.62 0.49
C GLY A 339 -16.42 -0.51 0.10
N TYR A 340 -17.26 -0.25 1.10
CA TYR A 340 -18.69 -0.20 0.85
C TYR A 340 -19.35 0.96 1.58
N THR A 341 -20.22 1.68 0.89
CA THR A 341 -21.06 2.69 1.54
C THR A 341 -22.47 2.70 0.96
N ASP A 342 -23.43 3.10 1.80
CA ASP A 342 -24.82 3.23 1.43
C ASP A 342 -25.24 4.70 1.45
N ASP A 343 -24.27 5.59 1.65
CA ASP A 343 -24.53 7.02 1.68
C ASP A 343 -23.48 7.79 0.90
N PRO A 344 -23.83 8.20 -0.34
CA PRO A 344 -22.94 8.89 -1.28
C PRO A 344 -22.38 10.23 -0.79
N ASN A 345 -22.99 10.80 0.24
CA ASN A 345 -22.60 12.13 0.68
C ASN A 345 -21.56 12.16 1.79
N LEU A 346 -21.22 11.00 2.34
CA LEU A 346 -20.25 10.94 3.44
C LEU A 346 -18.80 11.14 2.97
N LEU A 347 -18.45 10.58 1.81
CA LEU A 347 -17.09 10.69 1.26
C LEU A 347 -17.22 11.19 -0.17
N THR A 348 -16.75 12.41 -0.43
CA THR A 348 -16.96 13.02 -1.73
C THR A 348 -15.67 13.46 -2.43
N GLU A 349 -14.52 13.22 -1.82
CA GLU A 349 -13.25 13.55 -2.46
C GLU A 349 -12.58 12.36 -3.16
N THR A 350 -11.86 11.53 -2.42
CA THR A 350 -11.13 10.41 -3.01
C THR A 350 -11.32 9.20 -2.12
N VAL A 351 -11.66 8.06 -2.71
CA VAL A 351 -11.86 6.82 -1.95
C VAL A 351 -10.53 6.23 -1.46
N VAL A 352 -9.57 6.09 -2.38
CA VAL A 352 -8.26 5.51 -2.10
C VAL A 352 -7.20 6.45 -2.68
N SER A 353 -6.24 6.84 -1.85
CA SER A 353 -5.20 7.73 -2.32
C SER A 353 -3.79 7.21 -2.03
N VAL A 354 -2.92 7.39 -3.01
CA VAL A 354 -1.52 7.02 -2.91
C VAL A 354 -0.74 8.26 -3.37
N GLN A 355 -0.17 8.99 -2.40
CA GLN A 355 0.38 10.31 -2.68
C GLN A 355 1.52 10.64 -1.73
N PHE A 356 2.05 11.87 -1.85
CA PHE A 356 2.89 12.46 -0.81
C PHE A 356 4.05 11.54 -0.43
N ARG A 357 4.83 11.20 -1.46
CA ARG A 357 6.03 10.38 -1.35
C ARG A 357 5.79 8.88 -1.14
N ALA A 358 4.52 8.44 -1.12
CA ALA A 358 4.29 6.99 -1.18
C ALA A 358 4.90 6.48 -2.47
N ARG A 359 5.61 5.36 -2.42
CA ARG A 359 6.26 4.83 -3.60
C ARG A 359 6.28 3.31 -3.56
N ASN A 360 6.34 2.69 -4.73
CA ASN A 360 6.42 1.23 -4.85
C ASN A 360 5.28 0.55 -4.12
N CYS A 361 4.07 0.90 -4.53
CA CYS A 361 2.85 0.45 -3.92
C CYS A 361 2.09 -0.39 -4.93
N SER A 362 1.46 -1.46 -4.44
CA SER A 362 0.66 -2.34 -5.30
CA SER A 362 0.68 -2.37 -5.29
C SER A 362 -0.71 -2.57 -4.68
N LEU A 363 -1.74 -2.48 -5.52
CA LEU A 363 -3.12 -2.76 -5.14
C LEU A 363 -3.67 -3.81 -6.06
N ASN A 364 -4.18 -4.90 -5.48
CA ASN A 364 -4.78 -5.97 -6.24
C ASN A 364 -6.05 -6.48 -5.58
N GLY A 365 -7.10 -6.69 -6.36
CA GLY A 365 -8.30 -7.32 -5.85
C GLY A 365 -9.09 -6.35 -4.99
N VAL A 366 -9.61 -5.31 -5.62
CA VAL A 366 -10.29 -4.23 -4.96
C VAL A 366 -11.72 -4.15 -5.48
N VAL A 367 -12.68 -4.01 -4.58
CA VAL A 367 -14.06 -3.72 -4.96
C VAL A 367 -14.52 -2.50 -4.17
N LEU A 368 -14.86 -1.43 -4.88
CA LEU A 368 -15.36 -0.22 -4.23
C LEU A 368 -16.78 0.03 -4.70
N THR A 369 -17.71 0.09 -3.74
CA THR A 369 -19.14 0.16 -4.04
C THR A 369 -19.87 1.28 -3.31
N GLY A 370 -20.61 2.10 -4.05
CA GLY A 370 -21.54 3.06 -3.46
C GLY A 370 -21.06 4.50 -3.34
N PHE A 371 -19.80 4.76 -3.71
CA PHE A 371 -19.19 6.10 -3.56
C PHE A 371 -19.55 7.00 -4.75
N SER A 372 -20.85 7.15 -5.01
CA SER A 372 -21.34 7.71 -6.27
C SER A 372 -21.25 9.23 -6.35
N ASN A 373 -20.82 9.88 -5.28
CA ASN A 373 -20.57 11.32 -5.33
C ASN A 373 -19.12 11.67 -5.00
N SER A 374 -18.20 10.72 -5.17
CA SER A 374 -16.78 11.03 -4.98
C SER A 374 -16.14 11.39 -6.33
N GLU A 375 -15.15 12.27 -6.27
CA GLU A 375 -14.43 12.72 -7.45
C GLU A 375 -13.56 11.61 -8.03
N ASN A 376 -12.82 10.91 -7.17
CA ASN A 376 -11.90 9.83 -7.58
C ASN A 376 -12.14 8.53 -6.84
N GLY A 377 -12.07 7.40 -7.55
CA GLY A 377 -12.09 6.11 -6.87
C GLY A 377 -10.70 5.90 -6.29
N ILE A 378 -9.72 5.71 -7.18
CA ILE A 378 -8.34 5.57 -6.77
C ILE A 378 -7.56 6.74 -7.37
N TYR A 379 -6.77 7.44 -6.56
CA TYR A 379 -5.99 8.58 -7.02
C TYR A 379 -4.52 8.44 -6.62
N VAL A 380 -3.62 8.52 -7.61
CA VAL A 380 -2.19 8.28 -7.39
C VAL A 380 -1.39 9.43 -7.94
N ILE A 381 -0.44 9.90 -7.14
CA ILE A 381 0.50 10.95 -7.53
C ILE A 381 1.91 10.50 -7.15
N GLY A 382 2.90 10.86 -7.97
CA GLY A 382 4.29 10.47 -7.72
C GLY A 382 5.25 11.65 -7.70
N GLY A 383 6.53 11.33 -7.81
CA GLY A 383 7.59 12.36 -7.76
C GLY A 383 8.68 12.12 -8.79
N SER A 384 8.36 11.40 -9.86
CA SER A 384 9.32 11.05 -10.92
C SER A 384 10.59 10.41 -10.35
N ARG A 385 10.40 9.53 -9.36
CA ARG A 385 11.50 8.89 -8.64
CA ARG A 385 11.53 8.91 -8.68
C ARG A 385 12.00 7.64 -9.36
N GLY A 386 13.32 7.46 -9.39
CA GLY A 386 13.90 6.28 -10.03
C GLY A 386 13.57 5.05 -9.22
N GLY A 387 13.28 3.95 -9.91
CA GLY A 387 12.96 2.69 -9.25
C GLY A 387 11.55 2.66 -8.67
N ASP A 388 10.76 3.70 -8.94
CA ASP A 388 9.39 3.78 -8.40
C ASP A 388 8.43 2.99 -9.31
N ALA A 389 7.30 2.58 -8.76
CA ALA A 389 6.28 1.86 -9.50
C ALA A 389 4.97 1.96 -8.75
N VAL A 390 3.87 1.97 -9.49
CA VAL A 390 2.58 1.71 -8.87
C VAL A 390 1.82 0.68 -9.72
N ASN A 391 1.39 -0.42 -9.08
CA ASN A 391 0.67 -1.46 -9.78
CA ASN A 391 0.63 -1.50 -9.77
C ASN A 391 -0.78 -1.51 -9.28
N ILE A 392 -1.71 -1.40 -10.21
CA ILE A 392 -3.13 -1.44 -9.87
C ILE A 392 -3.74 -2.52 -10.75
N SER A 393 -4.25 -3.59 -10.13
CA SER A 393 -4.84 -4.69 -10.91
C SER A 393 -6.09 -5.28 -10.28
N ASN A 394 -6.98 -5.77 -11.14
CA ASN A 394 -8.13 -6.52 -10.70
C ASN A 394 -8.97 -5.66 -9.75
N VAL A 395 -9.46 -4.56 -10.30
CA VAL A 395 -10.23 -3.58 -9.53
C VAL A 395 -11.60 -3.49 -10.18
N THR A 396 -12.65 -3.55 -9.37
CA THR A 396 -13.99 -3.27 -9.89
C THR A 396 -14.70 -2.19 -9.07
N LEU A 397 -15.35 -1.29 -9.78
CA LEU A 397 -15.94 -0.10 -9.16
C LEU A 397 -17.42 -0.10 -9.47
N ASN A 398 -18.21 0.00 -8.41
CA ASN A 398 -19.65 0.06 -8.56
C ASN A 398 -20.15 1.43 -8.12
N ASN A 399 -20.41 2.29 -9.10
CA ASN A 399 -20.78 3.68 -8.89
C ASN A 399 -19.87 4.38 -7.89
N SER A 400 -18.57 4.25 -8.11
CA SER A 400 -17.58 4.81 -7.20
C SER A 400 -16.51 5.60 -7.94
N GLY A 401 -16.70 6.90 -8.04
CA GLY A 401 -15.67 7.79 -8.55
C GLY A 401 -15.93 8.30 -9.95
N ARG A 402 -16.10 9.62 -10.06
CA ARG A 402 -16.25 10.29 -11.36
C ARG A 402 -15.08 9.96 -12.26
N TYR A 403 -13.89 9.93 -11.67
CA TYR A 403 -12.71 9.30 -12.27
C TYR A 403 -12.47 8.00 -11.51
N GLY A 404 -12.58 6.86 -12.18
CA GLY A 404 -12.43 5.59 -11.47
C GLY A 404 -11.03 5.40 -10.91
N VAL A 405 -10.05 5.43 -11.80
CA VAL A 405 -8.64 5.34 -11.45
C VAL A 405 -7.96 6.53 -12.08
N SER A 406 -7.47 7.44 -11.26
CA SER A 406 -6.82 8.63 -11.77
C SER A 406 -5.35 8.68 -11.40
N ILE A 407 -4.50 8.77 -12.41
CA ILE A 407 -3.05 8.84 -12.21
C ILE A 407 -2.60 10.26 -12.54
N GLY A 408 -1.90 10.89 -11.60
CA GLY A 408 -1.53 12.30 -11.74
C GLY A 408 -0.09 12.47 -12.16
N SER A 409 0.45 13.66 -11.89
CA SER A 409 1.82 13.99 -12.25
C SER A 409 2.85 13.19 -11.46
N GLY A 410 4.07 13.16 -12.00
CA GLY A 410 5.21 12.55 -11.34
C GLY A 410 5.23 11.03 -11.41
N ILE A 411 4.31 10.44 -12.17
CA ILE A 411 4.28 8.99 -12.30
C ILE A 411 4.85 8.54 -13.65
N GLU A 412 5.99 7.87 -13.62
CA GLU A 412 6.64 7.42 -14.85
C GLU A 412 6.39 5.93 -15.08
N ASN A 413 6.15 5.20 -13.99
CA ASN A 413 5.98 3.76 -14.05
C ASN A 413 4.65 3.35 -13.42
N VAL A 414 3.64 3.10 -14.25
CA VAL A 414 2.32 2.63 -13.80
CA VAL A 414 2.36 2.60 -13.78
C VAL A 414 1.89 1.42 -14.61
N SER A 415 1.37 0.42 -13.91
CA SER A 415 0.73 -0.72 -14.54
C SER A 415 -0.72 -0.72 -14.04
N ILE A 416 -1.66 -0.69 -14.97
CA ILE A 416 -3.09 -0.65 -14.67
C ILE A 416 -3.75 -1.76 -15.46
N THR A 417 -4.17 -2.83 -14.81
CA THR A 417 -4.67 -3.98 -15.55
C THR A 417 -5.98 -4.48 -14.95
N ASN A 418 -6.93 -4.82 -15.83
CA ASN A 418 -8.17 -5.44 -15.41
C ASN A 418 -8.91 -4.54 -14.43
N ILE A 419 -9.33 -3.39 -14.95
CA ILE A 419 -10.16 -2.46 -14.22
C ILE A 419 -11.53 -2.46 -14.86
N SER A 420 -12.58 -2.57 -14.05
CA SER A 420 -13.93 -2.46 -14.57
C SER A 420 -14.75 -1.52 -13.72
N GLY A 421 -15.74 -0.87 -14.33
CA GLY A 421 -16.54 0.08 -13.58
C GLY A 421 -17.95 0.26 -14.12
N ILE A 422 -18.88 0.51 -13.21
CA ILE A 422 -20.24 0.88 -13.56
C ILE A 422 -20.43 2.31 -13.10
N GLY A 423 -20.80 3.20 -14.02
CA GLY A 423 -20.89 4.62 -13.70
C GLY A 423 -22.27 5.24 -13.87
N ASP A 424 -23.27 4.41 -14.18
CA ASP A 424 -24.64 4.84 -14.49
CA ASP A 424 -24.61 4.91 -14.51
C ASP A 424 -25.33 5.53 -13.32
N GLY A 425 -24.93 5.17 -12.10
CA GLY A 425 -25.48 5.75 -10.88
C GLY A 425 -24.66 6.91 -10.33
N ILE A 426 -23.58 7.27 -11.02
CA ILE A 426 -22.69 8.34 -10.55
C ILE A 426 -23.18 9.71 -10.96
N ASN A 427 -23.00 10.66 -10.06
CA ASN A 427 -23.26 12.07 -10.31
C ASN A 427 -22.15 12.64 -11.20
N SER A 428 -22.45 12.81 -12.49
CA SER A 428 -21.54 13.39 -13.49
C SER A 428 -20.19 12.66 -13.70
N PRO A 429 -20.24 11.36 -14.07
CA PRO A 429 -19.01 10.60 -14.28
C PRO A 429 -18.21 11.13 -15.44
N VAL A 430 -16.89 10.94 -15.41
CA VAL A 430 -16.01 11.44 -16.45
C VAL A 430 -15.30 10.31 -17.20
N ALA A 431 -14.46 9.56 -16.51
CA ALA A 431 -13.65 8.51 -17.15
C ALA A 431 -13.33 7.37 -16.19
N LEU A 432 -13.35 6.14 -16.69
CA LEU A 432 -12.99 5.01 -15.84
C LEU A 432 -11.53 5.14 -15.42
N VAL A 433 -10.69 5.47 -16.39
CA VAL A 433 -9.24 5.62 -16.13
C VAL A 433 -8.74 6.91 -16.78
N SER A 434 -7.95 7.66 -16.03
CA SER A 434 -7.33 8.86 -16.54
C SER A 434 -5.87 8.93 -16.13
N THR A 435 -4.99 9.31 -17.05
CA THR A 435 -3.59 9.52 -16.72
C THR A 435 -3.10 10.88 -17.23
N ILE A 436 -2.18 11.50 -16.49
CA ILE A 436 -1.50 12.72 -16.94
C ILE A 436 -0.33 12.36 -17.86
N ASN A 437 0.50 11.41 -17.41
CA ASN A 437 1.66 10.88 -18.16
CA ASN A 437 1.63 11.04 -18.23
C ASN A 437 1.22 10.16 -19.44
N SER A 438 2.06 10.22 -20.47
CA SER A 438 1.66 9.70 -21.78
C SER A 438 1.86 8.19 -21.93
N ASN A 439 2.66 7.59 -21.04
CA ASN A 439 3.10 6.20 -21.18
C ASN A 439 2.71 5.24 -20.04
N PRO A 440 1.42 5.24 -19.64
CA PRO A 440 1.03 4.23 -18.67
C PRO A 440 1.00 2.86 -19.36
N GLU A 441 1.19 1.78 -18.61
CA GLU A 441 0.91 0.46 -19.15
C GLU A 441 -0.50 0.06 -18.73
N ILE A 442 -1.31 -0.29 -19.72
CA ILE A 442 -2.75 -0.51 -19.51
C ILE A 442 -3.25 -1.69 -20.31
N SER A 443 -4.10 -2.50 -19.69
CA SER A 443 -4.87 -3.49 -20.43
C SER A 443 -6.11 -3.90 -19.66
N GLY A 444 -7.09 -4.49 -20.35
CA GLY A 444 -8.23 -5.09 -19.70
C GLY A 444 -9.20 -4.14 -19.03
N LEU A 445 -9.51 -3.02 -19.70
CA LEU A 445 -10.52 -2.07 -19.19
C LEU A 445 -11.93 -2.39 -19.69
N SER A 446 -12.93 -2.33 -18.80
CA SER A 446 -14.31 -2.65 -19.17
C SER A 446 -15.22 -1.70 -18.41
N SER A 447 -16.13 -1.02 -19.10
CA SER A 447 -16.98 -0.07 -18.39
CA SER A 447 -16.93 0.01 -18.47
C SER A 447 -18.36 0.09 -19.03
N ILE A 448 -19.28 0.58 -18.22
CA ILE A 448 -20.61 1.00 -18.67
C ILE A 448 -20.93 2.24 -17.86
N GLY A 449 -21.51 3.25 -18.51
CA GLY A 449 -21.96 4.45 -17.78
C GLY A 449 -20.90 5.51 -17.52
N TYR A 450 -19.67 5.27 -17.97
CA TYR A 450 -18.65 6.31 -18.00
C TYR A 450 -18.61 6.80 -19.44
N PRO A 451 -18.70 8.13 -19.66
CA PRO A 451 -18.66 8.72 -21.02
C PRO A 451 -17.35 8.42 -21.75
N THR A 452 -16.26 8.33 -21.02
CA THR A 452 -14.98 7.99 -21.57
C THR A 452 -14.47 6.76 -20.83
N VAL A 453 -13.81 5.82 -21.50
CA VAL A 453 -13.24 4.69 -20.78
C VAL A 453 -11.84 5.05 -20.27
N ALA A 454 -10.91 5.31 -21.18
CA ALA A 454 -9.57 5.73 -20.80
C ALA A 454 -9.23 7.07 -21.43
N ARG A 455 -8.76 8.00 -20.61
CA ARG A 455 -8.21 9.25 -21.12
C ARG A 455 -6.74 9.26 -20.80
N VAL A 456 -5.90 9.08 -21.82
CA VAL A 456 -4.45 8.98 -21.63
C VAL A 456 -3.83 10.28 -22.12
N ALA A 457 -3.31 11.08 -21.19
CA ALA A 457 -2.75 12.39 -21.52
C ALA A 457 -3.62 13.16 -22.52
N GLY A 458 -4.92 13.21 -22.27
CA GLY A 458 -5.80 14.01 -23.12
C GLY A 458 -6.46 13.27 -24.26
N THR A 459 -5.93 12.10 -24.64
CA THR A 459 -6.54 11.30 -25.74
C THR A 459 -7.44 10.18 -25.22
N ASP A 460 -8.66 10.11 -25.73
CA ASP A 460 -9.66 9.15 -25.29
C ASP A 460 -9.67 7.83 -26.05
N TYR A 461 -9.86 6.76 -25.29
CA TYR A 461 -9.95 5.40 -25.81
C TYR A 461 -11.17 4.76 -25.21
N ASN A 462 -12.17 4.51 -26.05
CA ASN A 462 -13.47 4.02 -25.60
C ASN A 462 -13.79 2.62 -26.06
N ASP A 463 -12.93 2.05 -26.89
CA ASP A 463 -13.19 0.75 -27.53
C ASP A 463 -12.14 -0.28 -27.16
N GLY A 464 -11.44 -0.04 -26.06
CA GLY A 464 -10.44 -1.00 -25.57
C GLY A 464 -9.04 -0.53 -25.88
N LEU A 465 -8.11 -0.86 -25.00
CA LEU A 465 -6.72 -0.52 -25.25
C LEU A 465 -5.74 -1.43 -24.53
N THR A 466 -4.61 -1.66 -25.19
CA THR A 466 -3.48 -2.35 -24.62
C THR A 466 -2.20 -1.52 -24.90
N LEU A 467 -1.54 -1.07 -23.84
CA LEU A 467 -0.35 -0.23 -23.96
C LEU A 467 0.80 -0.86 -23.18
N PHE A 468 1.91 -1.12 -23.86
CA PHE A 468 3.12 -1.63 -23.19
C PHE A 468 4.30 -0.73 -23.48
N ASN A 469 5.28 -0.74 -22.56
CA ASN A 469 6.48 0.08 -22.68
C ASN A 469 7.75 -0.74 -22.93
N GLY A 470 8.77 -0.03 -23.43
CA GLY A 470 10.09 -0.60 -23.64
C GLY A 470 10.25 -1.37 -24.95
N ALA A 471 11.44 -1.91 -25.15
CA ALA A 471 11.70 -2.80 -26.27
C ALA A 471 10.61 -3.86 -26.30
N PHE A 472 10.05 -4.12 -27.48
CA PHE A 472 8.96 -5.10 -27.60
C PHE A 472 9.36 -6.30 -28.45
N ARG A 473 8.99 -7.49 -28.00
CA ARG A 473 9.17 -8.70 -28.79
C ARG A 473 8.00 -9.65 -28.59
N ALA A 474 7.49 -10.18 -29.69
CA ALA A 474 6.40 -11.18 -29.65
C ALA A 474 6.70 -12.27 -30.68
N SER A 475 6.15 -13.47 -30.45
CA SER A 475 6.28 -14.63 -31.35
C SER A 475 7.69 -14.82 -31.91
N THR A 476 8.68 -14.65 -31.02
CA THR A 476 10.10 -14.80 -31.35
C THR A 476 10.82 -15.35 -30.12
N THR A 477 11.35 -16.56 -30.21
CA THR A 477 11.87 -17.24 -29.02
C THR A 477 13.25 -16.75 -28.56
N SER A 478 14.02 -16.17 -29.47
CA SER A 478 15.28 -15.53 -29.10
C SER A 478 15.63 -14.45 -30.10
N SER A 479 16.41 -13.48 -29.66
CA SER A 479 16.89 -12.42 -30.53
C SER A 479 18.12 -11.78 -29.90
N GLY A 480 18.83 -10.99 -30.69
CA GLY A 480 19.80 -10.07 -30.15
C GLY A 480 19.08 -8.83 -29.65
N LYS A 481 19.81 -7.72 -29.59
CA LYS A 481 19.33 -6.48 -28.97
C LYS A 481 18.12 -5.86 -29.67
N ILE A 482 17.18 -5.37 -28.87
CA ILE A 482 16.05 -4.58 -29.38
C ILE A 482 16.03 -3.24 -28.62
N HIS A 483 16.06 -2.15 -29.37
CA HIS A 483 16.03 -0.79 -28.79
C HIS A 483 14.68 -0.58 -28.12
N SER A 484 14.62 0.31 -27.13
CA SER A 484 13.35 0.65 -26.47
C SER A 484 12.34 1.32 -27.40
N GLU A 485 12.79 1.81 -28.56
CA GLU A 485 11.88 2.30 -29.59
C GLU A 485 11.94 1.38 -30.81
N GLY A 486 11.98 0.08 -30.53
CA GLY A 486 12.12 -0.92 -31.59
C GLY A 486 11.29 -2.14 -31.27
N PHE A 487 11.31 -3.12 -32.18
CA PHE A 487 10.55 -4.36 -31.96
C PHE A 487 11.05 -5.47 -32.87
N ILE A 488 10.79 -6.71 -32.47
CA ILE A 488 10.95 -7.86 -33.35
C ILE A 488 9.71 -8.73 -33.14
N MET A 489 9.04 -9.11 -34.23
CA MET A 489 7.90 -10.04 -34.11
C MET A 489 7.95 -11.14 -35.16
N GLY A 490 7.38 -12.30 -34.82
CA GLY A 490 7.15 -13.37 -35.77
C GLY A 490 8.41 -13.82 -36.47
N SER A 491 9.50 -13.92 -35.73
CA SER A 491 10.81 -14.18 -36.34
C SER A 491 11.51 -15.37 -35.68
N THR A 492 12.55 -15.89 -36.33
CA THR A 492 13.37 -16.89 -35.69
C THR A 492 14.70 -16.25 -35.25
N SER A 493 15.61 -17.06 -34.71
CA SER A 493 16.79 -16.56 -34.05
C SER A 493 17.69 -15.70 -34.94
N GLY A 494 18.51 -14.88 -34.29
CA GLY A 494 19.56 -14.12 -34.97
C GLY A 494 19.18 -12.71 -35.42
N CYS A 495 17.96 -12.27 -35.10
CA CYS A 495 17.53 -10.93 -35.52
C CYS A 495 17.88 -9.86 -34.49
N GLU A 496 17.98 -8.60 -34.94
CA GLU A 496 18.12 -7.48 -34.03
C GLU A 496 17.62 -6.18 -34.63
N ALA A 497 17.14 -5.33 -33.76
CA ALA A 497 16.58 -4.04 -34.15
C ALA A 497 17.14 -3.09 -33.11
N SER A 498 18.38 -2.66 -33.35
CA SER A 498 19.22 -2.07 -32.31
C SER A 498 19.17 -0.54 -32.15
N VAL A 499 18.40 0.17 -32.98
CA VAL A 499 18.34 1.65 -32.85
C VAL A 499 16.91 2.18 -32.77
N SER A 500 16.75 3.48 -32.46
CA SER A 500 15.44 4.07 -32.41
C SER A 500 14.69 3.86 -33.72
N LYS A 501 13.42 3.49 -33.64
CA LYS A 501 12.58 3.34 -34.85
C LYS A 501 13.18 2.33 -35.82
N SER A 502 13.49 1.16 -35.29
CA SER A 502 13.90 0.07 -36.17
C SER A 502 13.10 -1.17 -35.80
N GLY A 503 12.81 -2.04 -36.77
CA GLY A 503 12.04 -3.23 -36.43
C GLY A 503 12.24 -4.35 -37.45
N VAL A 504 12.00 -5.57 -36.99
CA VAL A 504 12.10 -6.75 -37.81
C VAL A 504 10.80 -7.54 -37.64
N LEU A 505 10.17 -7.89 -38.76
CA LEU A 505 9.03 -8.80 -38.76
C LEU A 505 9.33 -10.04 -39.61
N THR A 506 8.80 -11.18 -39.19
CA THR A 506 8.72 -12.38 -40.06
C THR A 506 10.00 -12.69 -40.80
N SER A 507 11.11 -12.64 -40.07
CA SER A 507 12.42 -12.84 -40.67
C SER A 507 13.31 -13.81 -39.89
N SER A 508 14.43 -14.15 -40.51
CA SER A 508 15.43 -14.98 -39.84
C SER A 508 16.80 -14.35 -40.00
N SER A 509 17.63 -14.43 -38.96
CA SER A 509 19.00 -13.89 -38.99
C SER A 509 19.12 -12.55 -39.71
N SER A 510 18.21 -11.62 -39.40
CA SER A 510 18.20 -10.33 -40.08
C SER A 510 18.29 -9.21 -39.06
N LYS A 511 19.13 -8.22 -39.36
CA LYS A 511 19.47 -7.20 -38.37
C LYS A 511 19.30 -5.80 -38.92
N THR A 512 18.72 -4.92 -38.14
CA THR A 512 18.71 -3.50 -38.51
C THR A 512 19.27 -2.58 -37.43
N SER A 513 20.18 -1.71 -37.86
CA SER A 513 20.76 -0.68 -37.04
C SER A 513 20.43 0.63 -37.75
N SER A 514 19.35 0.61 -38.51
CA SER A 514 18.94 1.74 -39.35
C SER A 514 17.81 2.55 -38.71
N GLU A 515 18.09 3.80 -38.39
CA GLU A 515 17.06 4.63 -37.75
C GLU A 515 15.96 4.93 -38.77
N ARG A 516 14.73 4.57 -38.41
CA ARG A 516 13.57 4.57 -39.33
C ARG A 516 13.74 3.48 -40.38
N SER A 517 13.39 2.25 -40.00
CA SER A 517 13.57 1.14 -40.90
C SER A 517 12.61 -0.01 -40.61
N LEU A 518 12.51 -0.91 -41.58
CA LEU A 518 11.74 -2.13 -41.42
C LEU A 518 12.34 -3.23 -42.27
N ILE A 519 12.55 -4.37 -41.67
CA ILE A 519 12.83 -5.57 -42.41
C ILE A 519 11.64 -6.50 -42.20
N ALA A 520 11.08 -7.03 -43.29
CA ALA A 520 10.03 -8.03 -43.17
C ALA A 520 10.20 -9.15 -44.19
N GLY A 521 9.70 -10.33 -43.85
CA GLY A 521 9.67 -11.47 -44.77
C GLY A 521 11.02 -11.84 -45.36
N SER A 522 12.08 -11.73 -44.57
CA SER A 522 13.44 -11.84 -45.13
C SER A 522 14.35 -12.82 -44.40
N SER A 523 15.49 -13.17 -45.01
CA SER A 523 16.53 -13.93 -44.33
C SER A 523 17.90 -13.31 -44.57
N THR A 524 18.78 -13.48 -43.58
CA THR A 524 20.17 -13.03 -43.61
C THR A 524 20.33 -11.64 -44.24
N SER A 525 19.46 -10.73 -43.84
CA SER A 525 19.44 -9.39 -44.42
C SER A 525 19.82 -8.34 -43.41
N GLU A 526 20.28 -7.19 -43.88
CA GLU A 526 20.77 -6.17 -42.96
C GLU A 526 20.51 -4.76 -43.46
N ALA A 527 19.99 -3.93 -42.57
CA ALA A 527 19.73 -2.51 -42.87
C ALA A 527 20.64 -1.70 -41.98
N LYS A 528 21.45 -0.84 -42.56
CA LYS A 528 22.36 -0.08 -41.71
C LYS A 528 22.54 1.39 -42.08
N GLY A 529 21.70 1.90 -42.96
CA GLY A 529 21.68 3.34 -43.26
C GLY A 529 20.61 4.00 -42.42
N THR A 530 19.69 4.71 -43.06
CA THR A 530 18.52 5.29 -42.43
C THR A 530 17.38 5.21 -43.44
N TYR A 531 16.12 5.28 -42.98
CA TYR A 531 14.98 5.19 -43.90
C TYR A 531 15.11 3.96 -44.81
N ASN A 532 15.46 2.81 -44.24
CA ASN A 532 15.66 1.60 -45.04
C ASN A 532 14.48 0.65 -44.98
N THR A 533 14.18 0.06 -46.13
CA THR A 533 13.12 -0.91 -46.25
C THR A 533 13.69 -2.19 -46.91
N ILE A 534 13.50 -3.33 -46.28
CA ILE A 534 13.86 -4.61 -46.90
C ILE A 534 12.69 -5.56 -46.77
N LEU A 535 12.16 -5.99 -47.90
CA LEU A 535 10.98 -6.86 -47.90
C LEU A 535 11.18 -8.08 -48.79
N GLY A 536 10.79 -9.23 -48.27
CA GLY A 536 10.75 -10.48 -49.04
C GLY A 536 12.06 -10.75 -49.73
N SER A 537 13.16 -10.63 -48.99
CA SER A 537 14.49 -10.71 -49.58
C SER A 537 15.40 -11.69 -48.83
N LEU A 538 16.46 -12.13 -49.53
CA LEU A 538 17.42 -13.08 -48.99
C LEU A 538 18.83 -12.52 -49.21
N GLY A 539 19.64 -12.42 -48.17
CA GLY A 539 21.00 -11.89 -48.31
C GLY A 539 21.01 -10.46 -48.84
N ALA A 540 20.07 -9.64 -48.37
CA ALA A 540 19.92 -8.25 -48.87
C ALA A 540 20.56 -7.27 -47.88
N VAL A 541 21.27 -6.27 -48.40
CA VAL A 541 21.85 -5.25 -47.53
C VAL A 541 21.45 -3.87 -48.04
N ALA A 542 20.92 -3.03 -47.15
CA ALA A 542 20.61 -1.62 -47.50
C ALA A 542 21.49 -0.76 -46.60
N ASP A 543 22.48 -0.07 -47.16
CA ASP A 543 23.44 0.61 -46.31
C ASP A 543 23.63 2.10 -46.59
N GLU A 544 22.62 2.72 -47.17
CA GLU A 544 22.65 4.15 -47.42
C GLU A 544 21.26 4.72 -47.11
N GLN A 545 21.20 6.03 -46.89
CA GLN A 545 19.95 6.69 -46.62
C GLN A 545 18.91 6.44 -47.73
N PHE A 546 17.71 6.02 -47.31
CA PHE A 546 16.59 5.76 -48.21
C PHE A 546 16.78 4.58 -49.16
N ALA A 547 17.84 3.80 -48.96
CA ALA A 547 18.06 2.60 -49.77
C ALA A 547 17.07 1.50 -49.37
N ALA A 548 16.71 0.67 -50.35
CA ALA A 548 15.69 -0.34 -50.12
C ALA A 548 15.83 -1.49 -51.09
N LEU A 549 15.30 -2.65 -50.69
CA LEU A 549 15.22 -3.81 -51.59
C LEU A 549 13.89 -4.52 -51.38
N ILE A 550 13.26 -4.93 -52.47
CA ILE A 550 12.04 -5.74 -52.42
C ILE A 550 12.20 -6.93 -53.37
N SER A 551 11.90 -8.14 -52.90
CA SER A 551 12.02 -9.36 -53.71
C SER A 551 13.40 -9.42 -54.35
N ALA A 552 14.43 -9.30 -53.52
CA ALA A 552 15.80 -9.33 -54.00
C ALA A 552 16.62 -10.39 -53.25
N SER A 553 17.59 -10.96 -53.93
CA SER A 553 18.50 -11.97 -53.37
C SER A 553 19.95 -11.59 -53.57
N GLN A 554 20.77 -11.73 -52.54
CA GLN A 554 22.22 -11.53 -52.66
C GLN A 554 22.54 -10.20 -53.34
N SER A 555 21.91 -9.13 -52.84
CA SER A 555 22.01 -7.81 -53.46
C SER A 555 22.23 -6.74 -52.40
N ARG A 556 22.84 -5.62 -52.79
CA ARG A 556 23.11 -4.54 -51.86
C ARG A 556 22.74 -3.22 -52.52
N ALA A 557 21.88 -2.45 -51.88
CA ALA A 557 21.50 -1.13 -52.39
C ALA A 557 22.29 -0.12 -51.56
N SER A 558 23.25 0.56 -52.18
CA SER A 558 24.11 1.51 -51.47
C SER A 558 23.98 2.96 -51.94
N GLY A 559 22.96 3.22 -52.74
CA GLY A 559 22.71 4.57 -53.23
C GLY A 559 21.70 5.35 -52.40
N ASN A 560 21.79 6.68 -52.49
CA ASN A 560 20.87 7.57 -51.83
C ASN A 560 19.49 7.44 -52.50
N HIS A 561 18.45 7.04 -51.75
CA HIS A 561 17.10 6.78 -52.35
C HIS A 561 17.12 5.69 -53.46
N ASN A 562 18.00 4.71 -53.30
CA ASN A 562 18.25 3.69 -54.31
C ASN A 562 17.44 2.45 -53.94
N LEU A 563 16.51 2.07 -54.80
CA LEU A 563 15.65 0.91 -54.61
C LEU A 563 16.01 -0.22 -55.59
N ILE A 564 16.17 -1.43 -55.08
CA ILE A 564 16.35 -2.63 -55.93
C ILE A 564 15.10 -3.51 -55.93
N LEU A 565 14.66 -3.94 -57.11
CA LEU A 565 13.47 -4.80 -57.25
C LEU A 565 13.77 -6.07 -58.03
N SER A 566 13.16 -7.17 -57.59
CA SER A 566 13.06 -8.38 -58.40
C SER A 566 14.40 -8.78 -58.99
N SER A 567 15.38 -8.98 -58.10
CA SER A 567 16.79 -9.14 -58.53
C SER A 567 17.57 -10.22 -57.80
N TYR A 568 18.66 -10.65 -58.44
CA TYR A 568 19.65 -11.51 -57.81
C TYR A 568 21.05 -11.02 -58.11
N GLY A 569 21.89 -10.98 -57.06
CA GLY A 569 23.33 -10.77 -57.20
C GLY A 569 23.79 -9.44 -57.79
N ILE A 570 23.20 -8.32 -57.34
CA ILE A 570 23.63 -6.99 -57.80
C ILE A 570 23.98 -6.02 -56.68
N ASN A 571 24.94 -5.13 -56.95
CA ASN A 571 25.30 -4.07 -56.02
C ASN A 571 25.13 -2.75 -56.72
N THR A 572 24.27 -1.89 -56.21
CA THR A 572 23.99 -0.61 -56.85
C THR A 572 24.42 0.55 -55.94
N THR A 573 24.81 1.68 -56.53
CA THR A 573 25.26 2.84 -55.75
C THR A 573 24.67 4.17 -56.23
N GLY A 574 23.77 4.13 -57.20
CA GLY A 574 23.29 5.37 -57.82
C GLY A 574 22.26 6.11 -56.98
N SER A 575 22.21 7.42 -57.14
CA SER A 575 21.30 8.28 -56.38
C SER A 575 19.97 8.41 -57.10
N TYR A 576 18.88 8.25 -56.35
CA TYR A 576 17.51 8.32 -56.88
C TYR A 576 17.30 7.40 -58.09
N LYS A 577 17.70 6.14 -57.93
CA LYS A 577 17.60 5.14 -58.99
C LYS A 577 16.86 3.92 -58.46
N VAL A 578 15.95 3.40 -59.30
CA VAL A 578 15.39 2.07 -59.12
C VAL A 578 16.19 1.16 -60.05
N ASN A 579 16.70 0.05 -59.54
CA ASN A 579 17.48 -0.87 -60.38
C ASN A 579 16.98 -2.29 -60.28
N GLY A 580 17.25 -3.08 -61.31
CA GLY A 580 17.05 -4.52 -61.23
C GLY A 580 18.14 -5.20 -62.01
N GLY A 581 18.38 -6.47 -61.71
CA GLY A 581 19.37 -7.20 -62.46
C GLY A 581 19.51 -8.64 -62.01
N PHE A 582 20.43 -9.34 -62.67
CA PHE A 582 20.65 -10.77 -62.38
C PHE A 582 22.11 -11.02 -62.66
N GLU A 583 22.89 -11.12 -61.59
CA GLU A 583 24.36 -11.25 -61.60
C GLU A 583 25.09 -9.99 -62.05
N LYS A 584 24.36 -9.07 -62.67
CA LYS A 584 24.83 -7.71 -63.05
C LYS A 584 23.60 -6.81 -63.19
N ILE A 585 23.79 -5.50 -63.09
CA ILE A 585 22.66 -4.56 -63.25
C ILE A 585 22.13 -4.65 -64.70
N ASN A 586 20.82 -4.83 -64.84
CA ASN A 586 20.21 -4.99 -66.17
C ASN A 586 19.19 -3.93 -66.59
N TRP A 587 18.68 -3.16 -65.63
CA TRP A 587 17.83 -2.00 -65.96
C TRP A 587 17.90 -0.94 -64.88
N GLU A 588 17.54 0.28 -65.26
CA GLU A 588 17.52 1.40 -64.34
C GLU A 588 16.41 2.38 -64.69
N LEU A 589 15.68 2.83 -63.68
CA LEU A 589 14.79 3.98 -63.82
C LEU A 589 15.47 5.10 -63.03
N ASP A 590 15.88 6.15 -63.73
CA ASP A 590 16.73 7.20 -63.10
C ASP A 590 15.86 8.40 -62.80
N SER A 591 15.40 8.49 -61.55
CA SER A 591 14.54 9.60 -61.12
C SER A 591 15.29 10.94 -61.11
N LEU A 592 16.61 10.89 -60.92
CA LEU A 592 17.42 12.11 -60.84
C LEU A 592 17.46 12.87 -62.16
N ASN A 593 17.77 12.14 -63.23
CA ASN A 593 17.98 12.70 -64.58
C ASN A 593 16.90 12.38 -65.61
N GLY A 594 15.90 11.60 -65.22
CA GLY A 594 14.83 11.22 -66.14
C GLY A 594 15.30 10.32 -67.29
N ARG A 595 16.19 9.38 -66.98
CA ARG A 595 16.65 8.40 -67.95
C ARG A 595 16.11 7.01 -67.62
N ILE A 596 15.77 6.27 -68.66
CA ILE A 596 15.44 4.84 -68.52
C ILE A 596 16.44 4.02 -69.32
N LYS A 597 17.05 3.04 -68.67
CA LYS A 597 18.14 2.26 -69.27
C LYS A 597 17.91 0.75 -69.18
N ALA A 598 18.08 0.05 -70.31
CA ALA A 598 18.16 -1.41 -70.32
C ALA A 598 19.54 -1.83 -70.80
N ARG A 599 20.05 -2.95 -70.28
CA ARG A 599 21.28 -3.53 -70.81
C ARG A 599 21.04 -4.03 -72.25
N ASP A 600 19.90 -4.70 -72.46
CA ASP A 600 19.58 -5.23 -73.80
C ASP A 600 18.69 -4.22 -74.57
N THR A 601 17.40 -4.53 -74.74
CA THR A 601 16.53 -3.68 -75.55
C THR A 601 15.44 -2.97 -74.75
N VAL A 602 15.01 -1.82 -75.27
CA VAL A 602 13.77 -1.19 -74.82
CA VAL A 602 13.78 -1.18 -74.81
C VAL A 602 12.83 -1.14 -76.02
N THR A 603 11.63 -1.70 -75.87
CA THR A 603 10.71 -1.82 -77.01
C THR A 603 9.25 -1.58 -76.64
N GLY A 604 8.50 -1.09 -77.63
CA GLY A 604 7.05 -0.96 -77.51
C GLY A 604 6.45 -2.06 -78.37
N GLY A 605 5.12 -2.07 -78.47
CA GLY A 605 4.42 -3.04 -79.32
C GLY A 605 4.49 -4.49 -78.85
N ASN A 606 4.69 -4.70 -77.55
CA ASN A 606 4.83 -6.04 -77.01
C ASN A 606 3.51 -6.70 -76.63
N THR A 607 3.48 -8.02 -76.69
CA THR A 607 2.40 -8.80 -76.11
C THR A 607 3.02 -9.81 -75.15
N TRP A 608 2.21 -10.43 -74.32
CA TRP A 608 2.68 -11.40 -73.36
C TRP A 608 2.10 -12.79 -73.64
N SER A 609 2.46 -13.34 -74.80
CA SER A 609 1.93 -14.64 -75.29
C SER A 609 2.90 -15.36 -76.23
NA NA B . -3.32 9.04 18.11
NA NA C . 0.18 8.17 19.13
C3' NHE D . 0.34 17.22 3.67
C2' NHE D . -1.03 17.34 3.92
C1' NHE D . -1.79 16.19 4.15
C6' NHE D . -1.18 14.93 4.14
N NHE D . -3.10 16.33 4.39
C1 NHE D . -4.11 15.46 3.76
C2 NHE D . -4.10 15.60 2.24
S NHE D . -5.31 14.46 1.48
O1 NHE D . -4.94 13.03 1.82
O2 NHE D . -6.67 14.82 2.03
O3 NHE D . -5.30 14.61 -0.03
C5' NHE D . 0.18 14.81 3.89
C4' NHE D . 0.94 15.95 3.65
#